data_1Y9G
#
_entry.id   1Y9G
#
_cell.length_a   49.904
_cell.length_b   94.371
_cell.length_c   67.617
_cell.angle_alpha   90.00
_cell.angle_beta   107.10
_cell.angle_gamma   90.00
#
_symmetry.space_group_name_H-M   'P 1 21 1'
#
loop_
_entity.id
_entity.type
_entity.pdbx_description
1 polymer exo-inulinase
2 branched 2-acetamido-2-deoxy-beta-D-glucopyranose-(1-4)-2-acetamido-2-deoxy-beta-D-glucopyranose
3 non-polymer 2-acetamido-2-deoxy-beta-D-glucopyranose
4 non-polymer beta-D-fructofuranose
5 water water
#
_entity_poly.entity_id   1
_entity_poly.type   'polypeptide(L)'
_entity_poly.pdbx_seq_one_letter_code
;FNYDQPYRGQYHFSPQKNWMNDPNGLLYHNGTYHLFFQYNPGGIEWGNISWGHAISEDLTHWEEKPVALLARGFGSDVTE
MYFSGSAVADVNNTSGFGKDGKTPLVAMYTSYYPVAQTLPSGQTVQEDQQSQSIAYSLDDGLTWTTYDAANPVIPNPPSP
YEAEYQNFRDPFVFWHDESQKWVVVTSIAELHKLAIYTSDNLKDWKLVSEFGPYNAQGGVWECPGLVKLPLDSGNSTKWV
ITSGLNPGGPPGTVGSGTQYFVGEFDGTTFTPDADTVYPGNSTANWMDWGPDFYAAAGYNGLSLNDHVHIGWMNNWQYGA
NIPTYPWRSAMAIPRHMALKTIGSKATLVQQPQEAWSSISNKRPIYSRTFKTLSEGSTNTTTTGETFKVDLSFSAKSKAS
TFAIALRASANFTEQTLVGYDFAKQQIFLDRTHSGDVSFDETFASVYHGPLTPDSTGVVKLSIFVDRSSVEVFGGQGETT
LTAQIFPSSDAVHARLASTGGTTEDVRADIYKIASTWN
;
_entity_poly.pdbx_strand_id   A
#
loop_
_chem_comp.id
_chem_comp.type
_chem_comp.name
_chem_comp.formula
FRU D-saccharide, beta linking beta-D-fructofuranose 'C6 H12 O6'
NAG D-saccharide, beta linking 2-acetamido-2-deoxy-beta-D-glucopyranose 'C8 H15 N O6'
#
# COMPACT_ATOMS: atom_id res chain seq x y z
N PHE A 1 -11.38 -0.42 22.83
CA PHE A 1 -12.10 0.53 21.93
C PHE A 1 -13.07 -0.23 21.05
N ASN A 2 -14.25 0.38 20.86
CA ASN A 2 -15.29 -0.25 20.04
C ASN A 2 -15.15 0.37 18.62
N TYR A 3 -14.77 -0.48 17.68
CA TYR A 3 -14.60 -0.12 16.26
C TYR A 3 -15.83 -0.47 15.41
N ASP A 4 -17.01 -0.60 16.01
CA ASP A 4 -18.23 -0.91 15.28
C ASP A 4 -18.89 0.38 14.80
N GLN A 5 -18.32 0.93 13.73
CA GLN A 5 -18.83 2.08 13.01
C GLN A 5 -19.13 1.73 11.59
N PRO A 6 -20.07 2.46 10.97
CA PRO A 6 -20.31 2.31 9.55
C PRO A 6 -19.01 2.66 8.80
N TYR A 7 -18.66 1.81 7.84
CA TYR A 7 -17.49 2.02 6.99
C TYR A 7 -16.17 1.58 7.66
N ARG A 8 -16.20 1.20 8.94
CA ARG A 8 -14.98 0.75 9.59
C ARG A 8 -14.60 -0.62 9.11
N GLY A 9 -13.52 -0.67 8.33
CA GLY A 9 -12.94 -1.94 7.96
C GLY A 9 -12.69 -2.75 9.19
N GLN A 10 -13.22 -3.99 9.22
CA GLN A 10 -13.01 -4.86 10.36
C GLN A 10 -11.79 -5.77 10.23
N TYR A 11 -11.16 -5.78 9.03
CA TYR A 11 -9.92 -6.55 8.79
C TYR A 11 -8.94 -5.70 7.95
N HIS A 12 -9.01 -4.40 8.18
CA HIS A 12 -8.01 -3.46 7.71
C HIS A 12 -7.63 -2.56 8.89
N PHE A 13 -6.35 -2.17 8.95
CA PHE A 13 -5.98 -1.27 10.01
C PHE A 13 -6.48 0.15 9.78
N SER A 14 -7.02 0.75 10.85
CA SER A 14 -7.22 2.18 10.91
C SER A 14 -7.02 2.58 12.34
N PRO A 15 -6.60 3.81 12.57
CA PRO A 15 -6.49 4.32 13.96
C PRO A 15 -7.88 4.49 14.57
N GLN A 16 -7.98 4.39 15.90
CA GLN A 16 -9.26 4.50 16.53
C GLN A 16 -9.89 5.86 16.15
N LYS A 17 -9.08 6.90 16.10
CA LYS A 17 -9.58 8.23 15.75
C LYS A 17 -8.57 8.94 14.91
N ASN A 18 -9.00 10.04 14.29
CA ASN A 18 -8.17 10.97 13.57
C ASN A 18 -7.69 10.46 12.21
N TRP A 19 -6.94 11.32 11.53
CA TRP A 19 -6.48 11.12 10.16
C TRP A 19 -5.22 10.28 10.14
N MET A 20 -5.17 9.36 9.16
CA MET A 20 -3.98 8.60 8.83
C MET A 20 -3.66 8.66 7.33
N ASN A 21 -2.39 8.81 6.96
CA ASN A 21 -1.94 8.42 5.62
C ASN A 21 -0.87 7.29 5.62
N ASP A 22 0.31 7.58 5.09
CA ASP A 22 1.23 6.54 4.61
C ASP A 22 1.65 5.61 5.72
N PRO A 23 1.82 4.36 5.37
CA PRO A 23 2.48 3.43 6.31
C PRO A 23 3.96 3.72 6.42
N ASN A 24 4.46 3.55 7.64
CA ASN A 24 5.80 3.90 8.00
C ASN A 24 6.46 2.87 8.87
N GLY A 25 7.79 2.82 8.84
CA GLY A 25 8.53 2.13 9.86
C GLY A 25 8.20 0.65 9.90
N LEU A 26 7.92 0.06 8.74
CA LEU A 26 7.47 -1.33 8.74
C LEU A 26 8.65 -2.16 9.09
N LEU A 27 8.53 -2.89 10.18
CA LEU A 27 9.58 -3.75 10.73
C LEU A 27 8.98 -4.93 11.53
N TYR A 28 9.44 -6.12 11.15
CA TYR A 28 9.19 -7.34 11.90
C TYR A 28 10.39 -7.62 12.78
N HIS A 29 10.15 -7.70 14.08
CA HIS A 29 11.23 -7.84 15.05
C HIS A 29 10.74 -8.68 16.22
N ASN A 30 11.41 -9.80 16.43
CA ASN A 30 11.13 -10.68 17.57
C ASN A 30 9.64 -11.01 17.68
N GLY A 31 9.09 -11.50 16.59
CA GLY A 31 7.72 -11.97 16.56
C GLY A 31 6.66 -10.94 16.27
N THR A 32 7.07 -9.69 16.29
CA THR A 32 6.14 -8.56 16.17
C THR A 32 6.24 -7.81 14.85
N TYR A 33 5.07 -7.57 14.22
CA TYR A 33 4.98 -6.69 13.08
C TYR A 33 4.62 -5.29 13.56
N HIS A 34 5.57 -4.36 13.38
CA HIS A 34 5.28 -2.95 13.62
C HIS A 34 4.69 -2.30 12.41
N LEU A 35 3.69 -1.45 12.69
CA LEU A 35 2.99 -0.65 11.69
C LEU A 35 3.02 0.77 12.20
N PHE A 36 3.90 1.62 11.70
CA PHE A 36 3.83 3.06 12.04
C PHE A 36 3.04 3.71 10.93
N PHE A 37 2.67 4.95 11.13
CA PHE A 37 1.89 5.65 10.09
C PHE A 37 1.81 7.14 10.32
N GLN A 38 1.68 7.83 9.18
CA GLN A 38 1.43 9.25 9.13
C GLN A 38 0.11 9.47 9.81
N TYR A 39 0.15 10.30 10.82
CA TYR A 39 -0.93 10.48 11.75
C TYR A 39 -1.10 11.95 12.27
N ASN A 40 -2.37 12.40 12.36
CA ASN A 40 -2.72 13.67 12.98
C ASN A 40 -3.34 13.42 14.34
N PRO A 41 -2.59 13.61 15.42
CA PRO A 41 -3.22 13.35 16.72
C PRO A 41 -4.21 14.39 17.14
N GLY A 42 -4.38 15.44 16.34
CA GLY A 42 -5.24 16.59 16.63
C GLY A 42 -6.40 16.80 15.67
N GLY A 43 -6.66 15.86 14.78
CA GLY A 43 -7.65 16.10 13.75
C GLY A 43 -7.94 14.97 12.77
N ILE A 44 -9.00 15.16 11.99
CA ILE A 44 -9.53 14.13 11.12
C ILE A 44 -9.14 14.34 9.65
N GLU A 45 -8.41 15.41 9.39
CA GLU A 45 -7.69 15.56 8.13
C GLU A 45 -6.16 15.72 8.31
N TRP A 46 -5.42 15.80 7.22
CA TRP A 46 -3.97 15.86 7.27
C TRP A 46 -3.53 17.11 8.07
N GLY A 47 -2.58 16.91 8.98
CA GLY A 47 -2.03 17.96 9.82
C GLY A 47 -1.24 17.41 11.00
N ASN A 48 -0.45 18.27 11.67
CA ASN A 48 0.23 17.93 12.89
C ASN A 48 0.97 16.63 12.73
N ILE A 49 1.60 16.44 11.58
CA ILE A 49 1.96 15.12 11.19
C ILE A 49 3.00 14.45 12.10
N SER A 50 2.60 13.25 12.52
CA SER A 50 3.30 12.42 13.51
C SER A 50 3.38 11.01 13.02
N TRP A 51 4.24 10.20 13.63
CA TRP A 51 4.20 8.71 13.46
C TRP A 51 3.37 8.04 14.55
N GLY A 52 2.15 7.57 14.21
CA GLY A 52 1.40 6.67 15.05
C GLY A 52 2.06 5.30 15.00
N HIS A 53 1.55 4.39 15.79
CA HIS A 53 2.13 3.09 15.95
C HIS A 53 1.02 2.12 16.32
N ALA A 54 1.06 0.94 15.72
CA ALA A 54 0.26 -0.26 16.03
C ALA A 54 1.13 -1.47 15.82
N ILE A 55 0.81 -2.55 16.53
CA ILE A 55 1.57 -3.80 16.44
C ILE A 55 0.58 -4.96 16.24
N SER A 56 1.05 -6.01 15.58
CA SER A 56 0.36 -7.31 15.58
C SER A 56 1.42 -8.43 15.54
N GLU A 57 1.00 -9.65 15.84
CA GLU A 57 1.81 -10.85 15.69
C GLU A 57 1.53 -11.51 14.38
N ASP A 58 0.46 -11.06 13.70
CA ASP A 58 -0.05 -11.83 12.53
C ASP A 58 -0.53 -11.03 11.32
N LEU A 59 -0.17 -9.74 11.29
CA LEU A 59 -0.59 -8.81 10.25
C LEU A 59 -2.11 -8.64 10.11
N THR A 60 -2.82 -8.89 11.21
CA THR A 60 -4.28 -9.08 11.20
C THR A 60 -4.94 -8.51 12.38
N HIS A 61 -4.52 -8.92 13.57
CA HIS A 61 -5.12 -8.46 14.81
C HIS A 61 -4.22 -7.37 15.37
N TRP A 62 -4.53 -6.11 15.06
CA TRP A 62 -3.67 -5.01 15.43
C TRP A 62 -4.08 -4.46 16.82
N GLU A 63 -3.09 -3.96 17.51
CA GLU A 63 -3.25 -3.22 18.76
C GLU A 63 -2.61 -1.85 18.59
N GLU A 64 -3.37 -0.79 18.76
CA GLU A 64 -2.85 0.58 18.68
C GLU A 64 -2.05 0.94 19.92
N LYS A 65 -0.91 1.55 19.71
CA LYS A 65 0.07 1.88 20.71
C LYS A 65 0.15 3.43 20.85
N PRO A 66 0.87 3.93 21.85
CA PRO A 66 1.11 5.36 21.86
C PRO A 66 1.85 5.89 20.62
N VAL A 67 1.60 7.17 20.35
CA VAL A 67 2.27 7.91 19.29
C VAL A 67 3.78 7.76 19.49
N ALA A 68 4.47 7.39 18.41
CA ALA A 68 5.92 7.14 18.43
C ALA A 68 6.73 8.43 18.33
N LEU A 69 6.39 9.24 17.33
CA LEU A 69 7.06 10.52 17.08
C LEU A 69 5.97 11.58 16.95
N LEU A 70 5.80 12.35 18.01
CA LEU A 70 4.76 13.34 18.08
C LEU A 70 5.26 14.66 17.58
N ALA A 71 4.60 15.21 16.57
CA ALA A 71 5.00 16.52 16.02
C ALA A 71 5.54 17.44 17.10
N ARG A 72 6.71 18.02 16.86
CA ARG A 72 7.39 18.84 17.85
C ARG A 72 6.62 20.16 17.99
N GLY A 73 6.22 20.51 19.21
CA GLY A 73 5.37 21.69 19.35
C GLY A 73 3.90 21.36 19.23
N PHE A 74 3.50 20.07 19.19
CA PHE A 74 2.07 19.70 19.17
C PHE A 74 1.32 20.36 20.36
N GLY A 75 0.20 21.06 20.06
CA GLY A 75 -0.59 21.77 21.06
C GLY A 75 -0.15 23.21 21.29
N SER A 76 0.93 23.61 20.61
CA SER A 76 1.54 24.92 20.73
C SER A 76 1.85 25.25 19.27
N ASP A 77 2.95 25.94 19.00
CA ASP A 77 3.35 26.28 17.68
C ASP A 77 4.21 25.08 17.20
N VAL A 78 3.77 24.39 16.15
CA VAL A 78 4.45 23.17 15.68
C VAL A 78 5.65 23.63 14.90
N THR A 79 6.80 23.06 15.18
CA THR A 79 8.05 23.40 14.53
C THR A 79 8.70 22.29 13.71
N GLU A 80 8.20 21.08 13.85
CA GLU A 80 8.75 20.01 13.07
C GLU A 80 7.68 18.91 12.97
N MET A 81 7.42 18.44 11.76
CA MET A 81 6.51 17.29 11.59
C MET A 81 7.36 16.10 11.12
N TYR A 82 6.84 14.90 11.34
CA TYR A 82 7.58 13.66 11.06
C TYR A 82 6.88 13.09 9.86
N PHE A 83 7.41 13.45 8.69
CA PHE A 83 6.95 12.85 7.45
C PHE A 83 7.38 11.37 7.36
N SER A 84 7.14 10.77 6.19
CA SER A 84 7.28 9.33 6.02
C SER A 84 8.72 8.78 6.07
N GLY A 85 8.83 7.51 6.41
CA GLY A 85 10.13 6.90 6.56
C GLY A 85 9.95 5.44 6.94
N SER A 86 11.06 4.89 7.44
CA SER A 86 11.23 3.49 7.60
C SER A 86 12.02 3.18 8.87
N ALA A 87 12.23 1.88 9.14
CA ALA A 87 12.85 1.45 10.41
C ALA A 87 13.54 0.10 10.24
N VAL A 88 14.65 -0.04 10.96
CA VAL A 88 15.47 -1.21 10.93
C VAL A 88 15.87 -1.57 12.34
N ALA A 89 16.19 -2.84 12.52
CA ALA A 89 16.80 -3.30 13.74
C ALA A 89 18.35 -3.30 13.56
N ASP A 90 18.98 -2.38 14.27
CA ASP A 90 20.42 -2.25 14.26
C ASP A 90 21.00 -3.20 15.32
N VAL A 91 20.89 -4.50 15.05
CA VAL A 91 21.24 -5.56 16.02
C VAL A 91 22.69 -5.60 16.48
N ASN A 92 23.60 -5.12 15.62
CA ASN A 92 25.01 -5.07 15.88
C ASN A 92 25.42 -3.69 16.44
N ASN A 93 24.43 -2.83 16.61
CA ASN A 93 24.62 -1.53 17.24
C ASN A 93 25.65 -0.71 16.50
N THR A 94 25.54 -0.67 15.17
CA THR A 94 26.43 0.17 14.37
C THR A 94 26.22 1.66 14.66
N SER A 95 25.00 2.04 15.09
CA SER A 95 24.66 3.45 15.37
C SER A 95 25.26 3.94 16.68
N GLY A 96 25.54 3.01 17.57
CA GLY A 96 26.05 3.30 18.90
C GLY A 96 24.98 3.68 19.89
N PHE A 97 23.71 3.62 19.44
CA PHE A 97 22.63 4.11 20.27
C PHE A 97 22.22 3.07 21.33
N GLY A 98 22.64 1.83 21.14
CA GLY A 98 22.45 0.81 22.15
C GLY A 98 23.20 1.15 23.43
N LYS A 99 22.67 0.71 24.58
CA LYS A 99 23.34 0.86 25.87
C LYS A 99 23.64 -0.53 26.49
N ASP A 100 23.15 -0.82 27.67
CA ASP A 100 23.37 -2.14 28.29
C ASP A 100 22.09 -2.96 28.31
N GLY A 101 21.13 -2.56 27.53
CA GLY A 101 19.94 -3.36 27.34
C GLY A 101 19.89 -3.94 25.94
N LYS A 102 18.76 -3.63 25.30
CA LYS A 102 18.49 -4.02 23.93
C LYS A 102 19.40 -3.24 23.02
N THR A 103 19.60 -3.83 21.86
CA THR A 103 20.16 -3.12 20.74
C THR A 103 19.04 -2.17 20.23
N PRO A 104 19.42 -1.13 19.54
CA PRO A 104 18.44 -0.13 19.10
C PRO A 104 17.66 -0.51 17.85
N LEU A 105 16.41 -0.06 17.81
CA LEU A 105 15.69 0.07 16.57
C LEU A 105 15.97 1.52 16.13
N VAL A 106 16.17 1.74 14.84
CA VAL A 106 16.49 3.10 14.33
C VAL A 106 15.48 3.39 13.22
N ALA A 107 14.83 4.54 13.36
CA ALA A 107 13.91 5.13 12.37
C ALA A 107 14.55 6.24 11.57
N MET A 108 14.32 6.21 10.26
CA MET A 108 14.83 7.20 9.34
C MET A 108 13.60 7.79 8.66
N TYR A 109 13.45 9.10 8.76
CA TYR A 109 12.21 9.76 8.34
C TYR A 109 12.58 11.12 7.76
N THR A 110 11.62 11.66 7.03
CA THR A 110 11.72 13.04 6.61
C THR A 110 11.25 14.02 7.67
N SER A 111 12.15 14.91 8.10
CA SER A 111 11.77 16.06 8.92
C SER A 111 11.20 17.15 8.02
N TYR A 112 9.99 17.56 8.33
CA TYR A 112 9.38 18.72 7.65
C TYR A 112 9.40 19.89 8.61
N TYR A 113 10.03 20.98 8.20
CA TYR A 113 10.12 22.20 9.02
C TYR A 113 9.16 23.31 8.54
N PRO A 114 8.03 23.49 9.22
CA PRO A 114 7.05 24.47 8.79
C PRO A 114 7.53 25.93 8.98
N VAL A 115 8.58 26.16 9.77
CA VAL A 115 9.16 27.49 10.03
C VAL A 115 10.65 27.33 10.00
N ALA A 116 11.29 28.35 9.43
CA ALA A 116 12.73 28.59 9.55
C ALA A 116 13.21 28.62 11.02
N GLN A 117 14.34 28.00 11.29
CA GLN A 117 14.83 27.86 12.64
C GLN A 117 16.26 27.25 12.61
N THR A 118 16.94 27.38 13.74
CA THR A 118 18.22 26.74 13.96
C THR A 118 17.92 25.62 14.94
N LEU A 119 18.45 24.44 14.65
CA LEU A 119 18.14 23.18 15.34
C LEU A 119 19.20 22.96 16.38
N PRO A 120 18.95 22.05 17.32
CA PRO A 120 19.96 21.70 18.35
C PRO A 120 21.27 21.25 17.77
N SER A 121 21.28 20.64 16.57
CA SER A 121 22.50 20.23 15.90
C SER A 121 23.34 21.47 15.45
N GLY A 122 22.74 22.65 15.44
CA GLY A 122 23.40 23.86 15.01
C GLY A 122 23.14 24.14 13.53
N GLN A 123 22.47 23.23 12.84
CA GLN A 123 22.04 23.46 11.48
C GLN A 123 20.88 24.42 11.40
N THR A 124 20.88 25.23 10.33
CA THR A 124 19.79 26.10 9.98
C THR A 124 18.97 25.50 8.87
N VAL A 125 17.66 25.55 9.04
CA VAL A 125 16.71 25.13 8.02
C VAL A 125 15.77 26.24 7.63
N GLN A 126 15.26 26.15 6.42
CA GLN A 126 14.33 27.11 5.84
C GLN A 126 12.88 26.66 5.99
N GLU A 127 11.98 27.61 5.84
CA GLU A 127 10.59 27.31 5.94
C GLU A 127 10.24 26.29 4.82
N ASP A 128 9.45 25.28 5.19
CA ASP A 128 9.03 24.17 4.32
C ASP A 128 10.13 23.24 3.81
N GLN A 129 11.32 23.37 4.39
CA GLN A 129 12.42 22.42 4.15
C GLN A 129 12.02 20.99 4.56
N GLN A 130 12.41 20.06 3.72
CA GLN A 130 12.41 18.59 4.00
C GLN A 130 13.85 18.06 3.99
N SER A 131 14.20 17.37 5.10
CA SER A 131 15.50 16.79 5.30
C SER A 131 15.34 15.40 5.94
N GLN A 132 16.38 14.61 5.86
CA GLN A 132 16.31 13.21 6.44
C GLN A 132 16.91 13.14 7.83
N SER A 133 16.19 12.55 8.77
CA SER A 133 16.58 12.54 10.18
C SER A 133 16.41 11.14 10.76
N ILE A 134 17.00 10.92 11.91
CA ILE A 134 16.91 9.61 12.55
C ILE A 134 16.53 9.72 14.05
N ALA A 135 15.89 8.67 14.51
CA ALA A 135 15.53 8.49 15.91
C ALA A 135 15.79 7.02 16.26
N TYR A 136 15.83 6.76 17.57
CA TYR A 136 16.09 5.41 18.04
C TYR A 136 15.22 5.00 19.22
N SER A 137 15.06 3.70 19.35
CA SER A 137 14.26 3.14 20.42
C SER A 137 15.02 1.96 21.07
N LEU A 138 15.00 1.94 22.40
CA LEU A 138 15.65 0.93 23.18
C LEU A 138 14.65 0.05 23.93
N ASP A 139 13.37 0.23 23.62
CA ASP A 139 12.27 -0.55 24.17
C ASP A 139 11.37 -1.14 23.12
N ASP A 140 12.01 -1.63 22.08
CA ASP A 140 11.33 -2.36 21.01
C ASP A 140 10.26 -1.54 20.39
N GLY A 141 10.53 -0.23 20.17
CA GLY A 141 9.63 0.59 19.39
C GLY A 141 8.55 1.36 20.12
N LEU A 142 8.39 1.12 21.41
CA LEU A 142 7.36 1.82 22.13
C LEU A 142 7.58 3.32 22.19
N THR A 143 8.81 3.69 22.54
CA THR A 143 9.19 5.09 22.63
C THR A 143 10.51 5.31 21.90
N TRP A 144 10.68 6.56 21.51
CA TRP A 144 11.67 6.97 20.53
C TRP A 144 12.35 8.24 21.01
N THR A 145 13.66 8.32 20.79
CA THR A 145 14.46 9.49 21.06
C THR A 145 15.00 10.02 19.72
N THR A 146 14.72 11.26 19.38
CA THR A 146 15.24 11.83 18.15
C THR A 146 16.73 12.18 18.33
N TYR A 147 17.47 12.11 17.26
CA TYR A 147 18.95 12.34 17.26
C TYR A 147 19.25 13.82 17.11
N ASP A 148 18.92 14.54 18.17
CA ASP A 148 18.90 15.99 18.16
C ASP A 148 20.29 16.57 17.95
N ALA A 149 21.34 15.85 18.40
CA ALA A 149 22.72 16.38 18.36
C ALA A 149 23.20 16.67 16.90
N ALA A 150 22.68 15.89 15.94
CA ALA A 150 23.10 15.95 14.55
C ALA A 150 22.00 15.99 13.50
N ASN A 151 20.73 15.82 13.86
CA ASN A 151 19.72 15.83 12.81
C ASN A 151 19.63 17.24 12.19
N PRO A 152 19.30 17.33 10.89
CA PRO A 152 19.19 16.16 9.98
C PRO A 152 20.48 15.58 9.48
N VAL A 153 20.41 14.30 9.23
CA VAL A 153 21.60 13.56 8.87
C VAL A 153 21.79 13.60 7.37
N ILE A 154 20.73 13.85 6.62
CA ILE A 154 20.85 14.23 5.19
C ILE A 154 20.06 15.50 4.98
N PRO A 155 20.69 16.66 5.23
CA PRO A 155 19.99 17.94 5.16
C PRO A 155 19.57 18.35 3.78
N ASN A 156 20.40 18.12 2.77
CA ASN A 156 20.11 18.68 1.45
C ASN A 156 20.01 17.62 0.35
N PRO A 157 19.16 17.87 -0.67
CA PRO A 157 19.21 17.07 -1.89
C PRO A 157 20.55 17.16 -2.55
N PRO A 158 20.93 16.15 -3.32
CA PRO A 158 22.27 16.16 -3.92
C PRO A 158 22.34 17.32 -4.95
N SER A 159 23.55 17.81 -5.11
CA SER A 159 23.81 18.74 -6.17
C SER A 159 23.65 17.96 -7.47
N PRO A 160 23.15 18.60 -8.53
CA PRO A 160 22.80 20.03 -8.65
C PRO A 160 21.35 20.38 -8.32
N TYR A 161 20.74 19.57 -7.46
CA TYR A 161 19.33 19.73 -7.14
C TYR A 161 19.00 20.42 -5.80
N GLU A 162 19.90 21.27 -5.35
CA GLU A 162 19.73 21.96 -4.09
C GLU A 162 18.43 22.75 -3.98
N ALA A 163 17.93 23.22 -5.12
CA ALA A 163 16.65 23.89 -5.21
C ALA A 163 15.42 23.07 -4.84
N GLU A 164 15.63 21.77 -4.73
CA GLU A 164 14.56 20.82 -4.43
C GLU A 164 14.36 20.56 -2.90
N TYR A 165 14.96 21.42 -2.09
CA TYR A 165 14.95 21.32 -0.61
C TYR A 165 13.55 21.19 0.05
N GLN A 166 12.49 21.60 -0.61
CA GLN A 166 11.15 21.46 -0.10
C GLN A 166 10.49 20.11 -0.48
N ASN A 167 11.12 19.39 -1.39
CA ASN A 167 10.53 18.15 -1.91
C ASN A 167 11.62 17.11 -2.01
N PHE A 168 11.95 16.56 -0.86
CA PHE A 168 13.06 15.62 -0.76
C PHE A 168 12.76 14.74 0.46
N ARG A 169 12.29 13.49 0.22
CA ARG A 169 11.55 12.81 1.26
C ARG A 169 11.48 11.30 1.08
N ASP A 170 11.04 10.66 2.19
CA ASP A 170 10.47 9.28 2.23
C ASP A 170 11.60 8.28 2.17
N PRO A 171 12.51 8.35 3.14
CA PRO A 171 13.65 7.45 3.17
C PRO A 171 13.24 6.02 3.53
N PHE A 172 13.53 5.09 2.62
CA PHE A 172 13.50 3.64 2.92
C PHE A 172 14.91 3.09 3.12
N VAL A 173 15.25 2.83 4.38
CA VAL A 173 16.56 2.34 4.73
C VAL A 173 16.47 0.83 4.99
N PHE A 174 17.53 0.09 4.64
CA PHE A 174 17.57 -1.34 4.90
C PHE A 174 19.03 -1.81 4.99
N TRP A 175 19.29 -2.96 5.62
CA TRP A 175 20.65 -3.54 5.68
C TRP A 175 20.86 -4.36 4.45
N HIS A 176 21.80 -3.97 3.62
CA HIS A 176 22.15 -4.78 2.42
C HIS A 176 23.20 -5.84 2.75
N ASP A 177 22.77 -7.11 2.86
CA ASP A 177 23.67 -8.14 3.31
C ASP A 177 24.90 -8.27 2.43
N GLU A 178 24.70 -8.19 1.11
CA GLU A 178 25.76 -8.47 0.17
C GLU A 178 26.90 -7.47 0.24
N SER A 179 26.62 -6.19 0.47
CA SER A 179 27.66 -5.20 0.62
C SER A 179 27.99 -4.86 2.06
N GLN A 180 27.23 -5.40 3.00
CA GLN A 180 27.41 -5.11 4.44
C GLN A 180 27.39 -3.58 4.69
N LYS A 181 26.32 -2.99 4.21
CA LYS A 181 26.09 -1.57 4.34
C LYS A 181 24.61 -1.28 4.58
N TRP A 182 24.29 -0.27 5.35
CA TRP A 182 22.98 0.37 5.25
C TRP A 182 22.81 1.12 3.92
N VAL A 183 21.67 0.87 3.27
CA VAL A 183 21.26 1.56 2.06
C VAL A 183 19.98 2.33 2.31
N VAL A 184 19.90 3.57 1.86
CA VAL A 184 18.64 4.31 1.91
C VAL A 184 18.25 4.87 0.53
N VAL A 185 16.96 4.77 0.19
CA VAL A 185 16.43 5.28 -1.08
C VAL A 185 15.51 6.44 -0.69
N THR A 186 15.76 7.59 -1.31
CA THR A 186 14.96 8.80 -1.09
C THR A 186 14.43 9.28 -2.43
N SER A 187 13.48 10.21 -2.39
CA SER A 187 12.80 10.69 -3.56
C SER A 187 12.98 12.23 -3.64
N ILE A 188 13.58 12.63 -4.75
CA ILE A 188 13.58 14.02 -5.19
C ILE A 188 12.30 14.19 -5.99
N ALA A 189 11.23 14.49 -5.27
CA ALA A 189 9.89 14.11 -5.70
C ALA A 189 9.42 14.80 -6.98
N GLU A 190 9.77 16.08 -7.14
CA GLU A 190 9.33 16.85 -8.33
C GLU A 190 10.04 16.45 -9.58
N LEU A 191 11.24 15.89 -9.42
CA LEU A 191 12.13 15.55 -10.50
C LEU A 191 11.93 14.14 -10.95
N HIS A 192 11.06 13.42 -10.23
CA HIS A 192 10.76 12.04 -10.53
C HIS A 192 12.03 11.23 -10.57
N LYS A 193 12.81 11.40 -9.54
CA LYS A 193 14.08 10.74 -9.45
C LYS A 193 14.35 10.30 -8.04
N LEU A 194 14.95 9.13 -7.84
CA LEU A 194 15.39 8.70 -6.52
C LEU A 194 16.90 8.85 -6.32
N ALA A 195 17.27 9.13 -5.08
CA ALA A 195 18.66 9.28 -4.69
C ALA A 195 18.96 8.22 -3.66
N ILE A 196 19.98 7.42 -3.96
CA ILE A 196 20.40 6.31 -3.11
C ILE A 196 21.73 6.63 -2.37
N TYR A 197 21.77 6.35 -1.07
CA TYR A 197 22.92 6.63 -0.20
C TYR A 197 23.28 5.36 0.57
N THR A 198 24.55 5.27 1.01
CA THR A 198 24.94 4.22 1.92
C THR A 198 25.56 4.81 3.24
N SER A 199 25.67 3.92 4.22
CA SER A 199 26.22 4.23 5.50
C SER A 199 26.72 2.98 6.22
N ASP A 200 27.71 3.18 7.07
CA ASP A 200 28.20 2.14 7.96
C ASP A 200 27.61 2.27 9.38
N ASN A 201 26.82 3.30 9.63
CA ASN A 201 26.41 3.63 11.01
C ASN A 201 25.04 4.29 11.20
N LEU A 202 24.30 4.52 10.10
CA LEU A 202 22.99 5.17 10.07
C LEU A 202 22.99 6.68 10.29
N LYS A 203 24.18 7.23 10.58
CA LYS A 203 24.39 8.66 10.85
C LYS A 203 25.08 9.38 9.70
N ASP A 204 26.06 8.73 9.10
CA ASP A 204 26.86 9.36 8.07
C ASP A 204 26.53 8.69 6.74
N TRP A 205 26.06 9.48 5.78
CA TRP A 205 25.53 8.97 4.54
C TRP A 205 26.35 9.47 3.34
N LYS A 206 26.52 8.63 2.35
CA LYS A 206 27.23 8.93 1.12
C LYS A 206 26.31 8.63 -0.04
N LEU A 207 26.11 9.64 -0.92
CA LEU A 207 25.32 9.43 -2.15
C LEU A 207 26.01 8.44 -3.08
N VAL A 208 25.31 7.40 -3.56
CA VAL A 208 25.93 6.48 -4.44
C VAL A 208 25.37 6.35 -5.83
N SER A 209 24.09 6.64 -5.98
CA SER A 209 23.47 6.62 -7.29
C SER A 209 22.14 7.38 -7.28
N GLU A 210 21.63 7.63 -8.48
CA GLU A 210 20.29 8.15 -8.70
C GLU A 210 19.60 7.27 -9.71
N PHE A 211 18.29 7.10 -9.52
CA PHE A 211 17.46 6.31 -10.39
C PHE A 211 16.25 7.12 -10.88
N GLY A 212 16.05 7.03 -12.19
CA GLY A 212 14.90 7.55 -12.85
C GLY A 212 15.16 8.98 -13.37
N PRO A 213 14.15 9.59 -13.97
CA PRO A 213 12.81 9.01 -14.16
C PRO A 213 12.71 8.00 -15.28
N TYR A 214 11.71 7.15 -15.14
CA TYR A 214 11.20 6.27 -16.18
C TYR A 214 9.72 6.13 -15.99
N ASN A 215 9.08 5.64 -17.04
CA ASN A 215 7.66 5.23 -16.99
C ASN A 215 6.77 6.36 -16.47
N ALA A 216 5.89 6.08 -15.52
CA ALA A 216 4.89 7.07 -15.09
C ALA A 216 5.49 8.29 -14.40
N GLN A 217 5.19 9.47 -14.94
CA GLN A 217 5.77 10.71 -14.44
C GLN A 217 4.78 11.85 -14.33
N GLY A 218 3.49 11.53 -14.28
CA GLY A 218 2.43 12.50 -14.29
C GLY A 218 2.09 13.01 -12.91
N GLY A 219 3.02 12.81 -11.97
CA GLY A 219 2.85 13.23 -10.60
C GLY A 219 4.15 13.18 -9.85
N VAL A 220 4.19 13.79 -8.65
CA VAL A 220 5.41 13.76 -7.84
C VAL A 220 5.75 12.33 -7.35
N TRP A 221 7.02 11.98 -7.38
CA TRP A 221 7.43 10.61 -6.97
C TRP A 221 7.51 10.57 -5.44
N GLU A 222 6.91 9.56 -4.85
CA GLU A 222 6.90 9.43 -3.40
C GLU A 222 7.07 7.95 -2.96
N CYS A 223 7.44 7.78 -1.69
CA CYS A 223 7.38 6.43 -1.07
C CYS A 223 8.15 5.35 -1.83
N PRO A 224 9.43 5.63 -2.09
CA PRO A 224 10.28 4.64 -2.77
C PRO A 224 10.63 3.46 -1.84
N GLY A 225 10.91 2.32 -2.45
CA GLY A 225 11.31 1.13 -1.73
C GLY A 225 12.09 0.23 -2.67
N LEU A 226 12.87 -0.67 -2.07
CA LEU A 226 13.73 -1.58 -2.83
C LEU A 226 13.86 -2.87 -2.06
N VAL A 227 13.52 -3.96 -2.71
CA VAL A 227 13.53 -5.26 -2.05
C VAL A 227 13.90 -6.39 -3.03
N LYS A 228 14.55 -7.44 -2.49
CA LYS A 228 14.84 -8.63 -3.27
C LYS A 228 13.73 -9.63 -3.13
N LEU A 229 13.14 -9.97 -4.26
CA LEU A 229 12.06 -10.96 -4.31
C LEU A 229 12.40 -12.25 -5.06
N PRO A 230 11.83 -13.35 -4.62
CA PRO A 230 11.99 -14.61 -5.34
C PRO A 230 11.22 -14.56 -6.69
N LEU A 231 11.78 -15.17 -7.72
CA LEU A 231 11.13 -15.41 -8.99
C LEU A 231 10.85 -16.90 -9.24
N ASP A 232 9.57 -17.19 -9.46
CA ASP A 232 9.04 -18.50 -9.77
C ASP A 232 9.38 -19.41 -8.61
N SER A 233 9.76 -20.65 -8.88
CA SER A 233 9.85 -21.66 -7.80
C SER A 233 11.23 -22.13 -7.46
N GLY A 234 12.18 -21.84 -8.33
CA GLY A 234 13.59 -22.11 -8.10
C GLY A 234 14.27 -21.04 -7.27
N ASN A 235 15.56 -20.86 -7.53
CA ASN A 235 16.37 -19.95 -6.71
C ASN A 235 16.67 -18.59 -7.37
N SER A 236 15.97 -18.30 -8.44
CA SER A 236 16.15 -17.02 -9.11
C SER A 236 15.56 -15.90 -8.25
N THR A 237 16.18 -14.72 -8.30
CA THR A 237 15.61 -13.54 -7.66
C THR A 237 15.77 -12.34 -8.54
N LYS A 238 15.08 -11.26 -8.18
CA LYS A 238 15.23 -9.96 -8.88
C LYS A 238 14.93 -8.90 -7.83
N TRP A 239 15.51 -7.74 -8.02
CA TRP A 239 15.21 -6.64 -7.16
C TRP A 239 14.07 -5.87 -7.73
N VAL A 240 13.26 -5.31 -6.85
CA VAL A 240 12.11 -4.53 -7.26
C VAL A 240 12.06 -3.19 -6.54
N ILE A 241 11.98 -2.13 -7.31
CA ILE A 241 11.61 -0.82 -6.78
C ILE A 241 10.11 -0.59 -6.85
N THR A 242 9.51 -0.22 -5.73
CA THR A 242 8.15 0.25 -5.71
C THR A 242 8.21 1.79 -5.43
N SER A 243 7.31 2.55 -6.04
CA SER A 243 7.25 4.00 -5.88
C SER A 243 5.86 4.53 -6.25
N GLY A 244 5.47 5.57 -5.53
CA GLY A 244 4.16 6.16 -5.72
C GLY A 244 4.32 7.40 -6.58
N LEU A 245 3.21 7.85 -7.14
CA LEU A 245 3.17 9.18 -7.73
C LEU A 245 1.79 9.73 -7.53
N ASN A 246 1.77 11.05 -7.38
CA ASN A 246 0.55 11.76 -7.11
C ASN A 246 0.59 13.11 -7.83
N PRO A 247 -0.33 13.36 -8.76
CA PRO A 247 -1.34 12.41 -9.26
C PRO A 247 -0.68 11.55 -10.33
N GLY A 248 -1.36 11.22 -11.41
CA GLY A 248 -0.81 10.35 -12.41
C GLY A 248 -0.79 8.85 -12.12
N GLY A 249 -1.74 8.39 -11.30
CA GLY A 249 -1.97 6.99 -11.03
C GLY A 249 -2.45 6.20 -12.26
N PRO A 250 -2.85 4.95 -12.04
CA PRO A 250 -3.15 4.05 -13.16
C PRO A 250 -4.26 4.50 -14.09
N PRO A 251 -4.15 4.07 -15.36
CA PRO A 251 -5.14 4.38 -16.37
C PRO A 251 -6.49 4.09 -15.82
N GLY A 252 -7.39 5.03 -16.01
CA GLY A 252 -8.76 4.83 -15.54
C GLY A 252 -8.97 5.55 -14.22
N THR A 253 -7.89 6.00 -13.53
CA THR A 253 -7.99 6.65 -12.26
C THR A 253 -7.60 8.11 -12.31
N VAL A 254 -8.05 8.83 -11.29
CA VAL A 254 -7.67 10.23 -11.10
C VAL A 254 -7.09 10.38 -9.69
N GLY A 255 -5.80 10.72 -9.67
CA GLY A 255 -5.05 10.76 -8.42
C GLY A 255 -3.87 9.85 -8.30
N SER A 256 -3.66 9.41 -7.09
CA SER A 256 -2.44 8.72 -6.69
C SER A 256 -2.44 7.24 -7.02
N GLY A 257 -1.24 6.69 -7.22
CA GLY A 257 -1.12 5.26 -7.26
C GLY A 257 0.32 4.81 -7.23
N THR A 258 0.51 3.51 -7.45
CA THR A 258 1.77 2.85 -7.16
C THR A 258 2.31 2.06 -8.36
N GLN A 259 3.56 2.33 -8.73
CA GLN A 259 4.22 1.64 -9.89
C GLN A 259 5.43 0.93 -9.37
N TYR A 260 5.97 0.04 -10.21
CA TYR A 260 7.17 -0.65 -9.87
C TYR A 260 8.03 -0.90 -11.07
N PHE A 261 9.24 -1.36 -10.77
CA PHE A 261 10.29 -1.71 -11.73
C PHE A 261 11.04 -2.93 -11.23
N VAL A 262 11.37 -3.85 -12.14
CA VAL A 262 12.10 -5.07 -11.87
C VAL A 262 13.50 -4.95 -12.43
N GLY A 263 14.48 -5.33 -11.62
CA GLY A 263 15.85 -5.27 -12.04
C GLY A 263 16.79 -5.93 -11.10
N GLU A 264 17.97 -5.34 -11.06
CA GLU A 264 19.07 -5.81 -10.27
C GLU A 264 19.70 -4.69 -9.49
N PHE A 265 20.27 -5.04 -8.34
CA PHE A 265 20.88 -4.10 -7.45
C PHE A 265 22.18 -4.68 -6.90
N ASP A 266 23.22 -3.86 -6.92
CA ASP A 266 24.56 -4.34 -6.62
C ASP A 266 25.12 -3.72 -5.38
N GLY A 267 24.23 -3.22 -4.53
CA GLY A 267 24.61 -2.43 -3.36
C GLY A 267 24.78 -0.94 -3.57
N THR A 268 24.91 -0.50 -4.81
CA THR A 268 24.94 0.92 -5.09
C THR A 268 23.98 1.39 -6.16
N THR A 269 23.86 0.63 -7.23
CA THR A 269 23.07 1.00 -8.38
C THR A 269 21.96 -0.01 -8.64
N PHE A 270 20.73 0.48 -8.80
CA PHE A 270 19.58 -0.33 -9.33
C PHE A 270 19.51 -0.16 -10.86
N THR A 271 19.75 -1.24 -11.56
CA THR A 271 19.64 -1.34 -13.02
C THR A 271 18.31 -1.99 -13.40
N PRO A 272 17.45 -1.24 -14.09
CA PRO A 272 16.15 -1.80 -14.47
C PRO A 272 16.31 -2.84 -15.55
N ASP A 273 15.55 -3.90 -15.52
CA ASP A 273 15.58 -4.85 -16.63
C ASP A 273 15.14 -4.18 -17.94
N ALA A 274 15.65 -4.64 -19.08
CA ALA A 274 15.29 -4.01 -20.36
C ALA A 274 13.73 -3.94 -20.60
N ASP A 275 13.01 -4.92 -20.07
CA ASP A 275 11.55 -5.02 -20.31
C ASP A 275 10.73 -4.41 -19.19
N THR A 276 11.37 -3.75 -18.22
CA THR A 276 10.60 -3.08 -17.18
C THR A 276 10.36 -1.61 -17.45
N VAL A 277 11.15 -1.06 -18.37
CA VAL A 277 11.02 0.35 -18.75
C VAL A 277 10.52 0.48 -20.18
N TYR A 278 9.67 1.46 -20.43
CA TYR A 278 8.91 1.55 -21.68
C TYR A 278 9.19 2.91 -22.33
N PRO A 279 9.40 2.97 -23.64
CA PRO A 279 9.66 4.27 -24.27
C PRO A 279 8.53 5.23 -23.94
N GLY A 280 8.89 6.48 -23.71
CA GLY A 280 7.95 7.51 -23.33
C GLY A 280 7.86 7.66 -21.82
N ASN A 281 6.73 8.17 -21.39
CA ASN A 281 6.54 8.56 -20.00
C ASN A 281 5.18 8.24 -19.53
N SER A 282 4.55 7.29 -20.19
CA SER A 282 3.18 7.01 -19.74
C SER A 282 2.99 5.58 -19.24
N THR A 283 3.35 4.61 -20.08
CA THR A 283 3.18 3.24 -19.76
C THR A 283 4.05 2.91 -18.54
N ALA A 284 3.49 2.12 -17.64
CA ALA A 284 4.15 1.67 -16.41
C ALA A 284 3.67 0.30 -15.94
N ASN A 285 4.41 -0.25 -14.96
CA ASN A 285 4.01 -1.43 -14.26
C ASN A 285 3.33 -0.87 -13.02
N TRP A 286 2.04 -1.13 -12.92
CA TRP A 286 1.20 -0.77 -11.80
C TRP A 286 1.19 -1.92 -10.79
N MET A 287 1.49 -1.55 -9.57
CA MET A 287 1.29 -2.47 -8.44
C MET A 287 -0.19 -2.78 -8.23
N ASP A 288 -1.02 -1.75 -8.42
CA ASP A 288 -2.44 -1.85 -8.29
C ASP A 288 -3.05 -0.99 -9.32
N TRP A 289 -4.07 -1.54 -9.97
CA TRP A 289 -4.82 -0.82 -11.00
C TRP A 289 -6.04 -0.03 -10.58
N GLY A 290 -6.34 -0.06 -9.28
CA GLY A 290 -7.48 0.60 -8.71
C GLY A 290 -7.04 1.97 -8.18
N PRO A 291 -8.02 2.76 -7.72
CA PRO A 291 -7.77 4.13 -7.22
C PRO A 291 -7.16 4.27 -5.78
N ASP A 292 -7.23 3.22 -4.96
CA ASP A 292 -6.96 3.37 -3.51
C ASP A 292 -5.83 2.45 -3.04
N PHE A 293 -4.68 2.55 -3.70
CA PHE A 293 -3.51 1.82 -3.27
C PHE A 293 -2.29 2.70 -3.40
N TYR A 294 -1.90 3.35 -2.29
CA TYR A 294 -0.84 4.34 -2.34
C TYR A 294 0.14 4.26 -1.18
N ALA A 295 1.32 4.89 -1.36
CA ALA A 295 2.32 4.99 -0.31
C ALA A 295 2.70 3.60 0.13
N ALA A 296 2.80 2.66 -0.82
CA ALA A 296 3.02 1.26 -0.49
C ALA A 296 4.46 1.06 -0.08
N ALA A 297 4.66 0.42 1.08
CA ALA A 297 6.00 0.29 1.67
C ALA A 297 6.21 -1.14 2.11
N GLY A 298 7.47 -1.57 2.10
CA GLY A 298 7.83 -2.90 2.49
C GLY A 298 8.28 -3.01 3.93
N TYR A 299 8.09 -4.17 4.50
CA TYR A 299 8.60 -4.63 5.82
C TYR A 299 10.08 -4.91 5.74
N ASN A 300 10.82 -4.31 6.69
CA ASN A 300 12.15 -4.83 7.00
C ASN A 300 11.99 -6.01 7.97
N GLY A 301 13.02 -6.80 8.07
CA GLY A 301 13.07 -7.96 9.00
C GLY A 301 12.42 -9.23 8.50
N LEU A 302 12.08 -9.33 7.20
CA LEU A 302 11.46 -10.53 6.64
C LEU A 302 12.38 -11.19 5.68
N SER A 303 12.25 -12.50 5.55
CA SER A 303 13.10 -13.26 4.66
C SER A 303 12.55 -13.24 3.23
N LEU A 304 13.38 -13.73 2.32
CA LEU A 304 13.14 -13.74 0.89
C LEU A 304 11.72 -14.14 0.46
N ASN A 305 11.20 -15.22 1.05
CA ASN A 305 9.90 -15.76 0.66
C ASN A 305 8.76 -15.25 1.52
N ASP A 306 9.05 -14.30 2.43
CA ASP A 306 8.10 -13.80 3.42
C ASP A 306 7.80 -12.31 3.29
N HIS A 307 8.25 -11.67 2.19
CA HIS A 307 8.13 -10.24 2.04
C HIS A 307 6.69 -9.75 1.91
N VAL A 308 6.44 -8.57 2.52
CA VAL A 308 5.14 -7.94 2.68
C VAL A 308 5.26 -6.45 2.49
N HIS A 309 4.36 -5.90 1.70
CA HIS A 309 4.15 -4.47 1.53
C HIS A 309 2.78 -4.16 2.15
N ILE A 310 2.68 -3.00 2.73
CA ILE A 310 1.43 -2.43 3.11
C ILE A 310 1.22 -1.15 2.34
N GLY A 311 -0.02 -0.95 1.90
CA GLY A 311 -0.46 0.27 1.25
C GLY A 311 -1.52 1.03 1.96
N TRP A 312 -1.52 2.35 1.73
CA TRP A 312 -2.58 3.23 2.22
C TRP A 312 -3.77 3.06 1.32
N MET A 313 -4.90 2.74 1.89
CA MET A 313 -6.07 2.45 1.10
C MET A 313 -6.98 3.67 0.90
N ASN A 314 -6.47 4.62 0.12
CA ASN A 314 -7.13 5.95 -0.03
C ASN A 314 -6.45 6.61 -1.24
N ASN A 315 -6.88 7.78 -1.63
CA ASN A 315 -6.39 8.45 -2.83
C ASN A 315 -6.36 9.93 -2.48
N TRP A 316 -5.27 10.63 -2.81
CA TRP A 316 -5.19 12.08 -2.45
C TRP A 316 -6.19 12.96 -3.17
N GLN A 317 -6.70 12.50 -4.31
CA GLN A 317 -7.78 13.19 -5.04
C GLN A 317 -8.93 13.58 -4.11
N TYR A 318 -9.41 12.63 -3.31
CA TYR A 318 -10.58 12.74 -2.52
C TYR A 318 -10.43 12.24 -1.08
N GLY A 319 -9.22 11.80 -0.71
CA GLY A 319 -9.03 11.14 0.56
C GLY A 319 -9.46 11.90 1.81
N ALA A 320 -9.32 13.22 1.75
CA ALA A 320 -9.71 14.14 2.81
C ALA A 320 -11.21 14.21 3.04
N ASN A 321 -12.00 13.75 2.05
CA ASN A 321 -13.45 13.88 2.09
C ASN A 321 -14.23 12.62 2.14
N ILE A 322 -13.56 11.50 2.43
CA ILE A 322 -14.32 10.25 2.63
C ILE A 322 -15.16 10.39 3.89
N PRO A 323 -16.37 9.85 3.83
CA PRO A 323 -17.37 10.09 4.87
C PRO A 323 -17.22 9.20 6.08
N THR A 324 -16.03 9.22 6.66
CA THR A 324 -15.71 8.41 7.81
C THR A 324 -15.65 9.25 9.09
N TYR A 325 -15.96 8.61 10.21
CA TYR A 325 -15.91 9.23 11.53
C TYR A 325 -15.83 8.15 12.65
N PRO A 326 -15.02 8.32 13.68
CA PRO A 326 -14.16 9.45 14.01
C PRO A 326 -12.71 9.37 13.50
N TRP A 327 -12.45 8.33 12.70
CA TRP A 327 -11.21 8.15 11.98
C TRP A 327 -11.32 8.61 10.48
N ARG A 328 -10.16 8.70 9.82
CA ARG A 328 -10.10 8.79 8.38
C ARG A 328 -8.91 8.10 7.80
N SER A 329 -9.24 7.10 6.97
CA SER A 329 -8.33 6.27 6.20
C SER A 329 -8.03 4.92 6.87
N ALA A 330 -7.77 3.93 6.03
CA ALA A 330 -7.29 2.64 6.45
C ALA A 330 -6.16 2.19 5.52
N MET A 331 -5.42 1.20 6.02
CA MET A 331 -4.48 0.46 5.20
C MET A 331 -5.20 -0.61 4.39
N ALA A 332 -4.63 -1.04 3.29
CA ALA A 332 -5.16 -2.12 2.50
C ALA A 332 -4.81 -3.44 3.20
N ILE A 333 -5.26 -4.57 2.66
CA ILE A 333 -4.84 -5.88 3.11
C ILE A 333 -3.34 -5.94 2.86
N PRO A 334 -2.55 -6.34 3.85
CA PRO A 334 -1.13 -6.56 3.62
C PRO A 334 -0.92 -7.53 2.43
N ARG A 335 0.13 -7.25 1.66
CA ARG A 335 0.39 -7.87 0.37
C ARG A 335 1.69 -8.60 0.40
N HIS A 336 1.60 -9.93 0.36
CA HIS A 336 2.78 -10.78 0.20
C HIS A 336 3.35 -10.52 -1.20
N MET A 337 4.66 -10.42 -1.29
CA MET A 337 5.35 -10.01 -2.51
C MET A 337 6.25 -11.10 -3.10
N ALA A 338 5.98 -11.36 -4.35
CA ALA A 338 6.81 -12.28 -5.13
C ALA A 338 6.80 -11.95 -6.59
N LEU A 339 7.63 -12.65 -7.36
CA LEU A 339 7.67 -12.50 -8.81
C LEU A 339 7.38 -13.81 -9.49
N LYS A 340 6.55 -13.69 -10.53
CA LYS A 340 6.28 -14.87 -11.37
C LYS A 340 6.48 -14.53 -12.83
N THR A 341 7.00 -15.50 -13.57
CA THR A 341 7.09 -15.33 -15.02
C THR A 341 5.74 -15.56 -15.66
N ILE A 342 5.17 -14.47 -16.14
CA ILE A 342 3.86 -14.52 -16.80
C ILE A 342 3.93 -13.94 -18.20
N GLY A 343 3.51 -14.76 -19.17
CA GLY A 343 3.61 -14.37 -20.56
C GLY A 343 5.01 -13.88 -20.87
N SER A 344 5.98 -14.66 -20.41
CA SER A 344 7.39 -14.45 -20.66
C SER A 344 7.99 -13.20 -20.02
N LYS A 345 7.36 -12.68 -18.97
CA LYS A 345 7.76 -11.44 -18.26
C LYS A 345 7.73 -11.64 -16.74
N ALA A 346 8.82 -11.32 -16.05
CA ALA A 346 8.89 -11.31 -14.59
C ALA A 346 7.83 -10.29 -14.13
N THR A 347 6.86 -10.74 -13.35
CA THR A 347 5.68 -9.95 -13.03
C THR A 347 5.41 -10.01 -11.51
N LEU A 348 5.09 -8.87 -10.91
CA LEU A 348 4.78 -8.83 -9.48
C LEU A 348 3.49 -9.60 -9.25
N VAL A 349 3.55 -10.56 -8.38
CA VAL A 349 2.34 -11.22 -7.93
C VAL A 349 2.21 -10.95 -6.46
N GLN A 350 0.99 -10.58 -6.07
CA GLN A 350 0.61 -10.39 -4.68
C GLN A 350 -0.39 -11.45 -4.12
N GLN A 351 -0.20 -11.77 -2.84
CA GLN A 351 -1.18 -12.57 -2.10
C GLN A 351 -1.71 -11.80 -0.92
N PRO A 352 -2.99 -11.96 -0.61
CA PRO A 352 -3.61 -11.29 0.54
C PRO A 352 -3.05 -11.91 1.82
N GLN A 353 -2.21 -11.15 2.50
CA GLN A 353 -1.50 -11.66 3.69
C GLN A 353 -2.16 -11.22 5.03
N GLU A 354 -3.14 -12.01 5.50
CA GLU A 354 -3.69 -11.99 6.87
C GLU A 354 -3.82 -13.48 7.31
N ALA A 355 -4.14 -13.71 8.57
CA ALA A 355 -4.39 -15.04 9.12
C ALA A 355 -5.87 -15.37 8.95
N TRP A 356 -6.22 -15.65 7.69
CA TRP A 356 -7.57 -15.81 7.20
C TRP A 356 -8.28 -16.95 7.99
N SER A 357 -7.56 -18.01 8.32
CA SER A 357 -8.17 -19.15 9.00
C SER A 357 -8.63 -18.77 10.41
N SER A 358 -8.03 -17.74 10.98
CA SER A 358 -8.43 -17.28 12.32
C SER A 358 -9.70 -16.45 12.30
N ILE A 359 -10.09 -15.97 11.12
CA ILE A 359 -11.25 -15.10 11.00
C ILE A 359 -12.31 -15.46 9.97
N SER A 360 -12.13 -16.56 9.24
CA SER A 360 -13.03 -16.88 8.14
C SER A 360 -13.77 -18.13 8.50
N ASN A 361 -15.09 -18.12 8.31
CA ASN A 361 -15.90 -19.32 8.32
C ASN A 361 -15.36 -20.36 7.32
N LYS A 362 -15.37 -21.63 7.75
CA LYS A 362 -14.91 -22.71 6.85
C LYS A 362 -15.96 -23.13 5.83
N ARG A 363 -17.20 -22.96 6.19
CA ARG A 363 -18.29 -23.29 5.34
C ARG A 363 -18.80 -22.06 4.63
N PRO A 364 -18.82 -22.12 3.32
CA PRO A 364 -19.24 -20.94 2.57
C PRO A 364 -20.73 -20.65 2.77
N ILE A 365 -21.08 -19.40 2.84
CA ILE A 365 -22.50 -19.07 2.88
C ILE A 365 -23.16 -19.29 1.54
N TYR A 366 -22.37 -19.26 0.46
CA TYR A 366 -22.89 -19.45 -0.90
C TYR A 366 -21.84 -20.17 -1.69
N SER A 367 -22.29 -21.16 -2.44
CA SER A 367 -21.38 -21.95 -3.20
C SER A 367 -22.12 -22.63 -4.36
N ARG A 368 -21.73 -22.35 -5.61
CA ARG A 368 -22.39 -22.97 -6.78
C ARG A 368 -21.45 -23.20 -7.88
N THR A 369 -21.79 -24.16 -8.75
CA THR A 369 -21.15 -24.34 -10.03
C THR A 369 -22.16 -24.42 -11.15
N PHE A 370 -21.77 -23.89 -12.31
CA PHE A 370 -22.64 -23.88 -13.47
C PHE A 370 -21.79 -24.28 -14.66
N LYS A 371 -22.14 -25.39 -15.31
CA LYS A 371 -21.55 -25.76 -16.58
C LYS A 371 -21.83 -24.64 -17.58
N THR A 372 -23.08 -24.16 -17.66
CA THR A 372 -23.34 -22.92 -18.40
C THR A 372 -24.24 -22.01 -17.61
N LEU A 373 -23.77 -20.83 -17.27
CA LEU A 373 -24.60 -19.91 -16.54
C LEU A 373 -25.38 -19.10 -17.58
N SER A 374 -26.69 -19.07 -17.43
CA SER A 374 -27.50 -18.37 -18.39
C SER A 374 -27.25 -16.85 -18.33
N GLU A 375 -27.42 -16.20 -19.47
CA GLU A 375 -27.51 -14.76 -19.52
C GLU A 375 -28.57 -14.24 -18.57
N GLY A 376 -28.21 -13.24 -17.78
CA GLY A 376 -29.12 -12.59 -16.88
C GLY A 376 -28.50 -12.54 -15.49
N SER A 377 -29.30 -12.33 -14.47
CA SER A 377 -28.76 -12.22 -13.11
C SER A 377 -29.41 -13.27 -12.17
N THR A 378 -28.62 -13.92 -11.32
CA THR A 378 -29.12 -15.01 -10.50
C THR A 378 -29.93 -14.44 -9.33
N ASN A 379 -30.47 -15.37 -8.58
CA ASN A 379 -31.14 -15.05 -7.37
C ASN A 379 -30.18 -14.39 -6.40
N THR A 380 -30.72 -13.58 -5.55
CA THR A 380 -29.98 -12.79 -4.60
C THR A 380 -29.56 -13.61 -3.41
N THR A 381 -28.35 -13.35 -2.92
CA THR A 381 -27.90 -13.85 -1.62
C THR A 381 -27.53 -12.68 -0.69
N THR A 382 -27.55 -12.93 0.61
CA THR A 382 -27.20 -11.94 1.60
C THR A 382 -25.80 -12.29 2.12
N THR A 383 -24.89 -11.33 2.13
CA THR A 383 -23.49 -11.61 2.46
C THR A 383 -22.99 -10.99 3.74
N GLY A 384 -23.71 -10.02 4.28
CA GLY A 384 -23.13 -9.12 5.26
C GLY A 384 -22.11 -8.19 4.57
N GLU A 385 -21.37 -7.41 5.36
CA GLU A 385 -20.40 -6.42 4.87
C GLU A 385 -18.96 -6.91 4.72
N THR A 386 -18.65 -8.03 5.38
CA THR A 386 -17.29 -8.53 5.40
C THR A 386 -17.20 -10.01 4.96
N PHE A 387 -16.60 -10.22 3.79
CA PHE A 387 -16.59 -11.56 3.14
C PHE A 387 -15.58 -11.63 2.01
N LYS A 388 -15.27 -12.86 1.63
CA LYS A 388 -14.43 -13.14 0.50
C LYS A 388 -15.27 -13.89 -0.56
N VAL A 389 -15.10 -13.53 -1.83
CA VAL A 389 -15.64 -14.24 -2.96
C VAL A 389 -14.51 -14.88 -3.78
N ASP A 390 -14.72 -16.12 -4.12
CA ASP A 390 -13.92 -16.82 -5.08
C ASP A 390 -14.73 -17.09 -6.32
N LEU A 391 -14.23 -16.62 -7.44
CA LEU A 391 -14.86 -16.88 -8.72
C LEU A 391 -13.85 -17.47 -9.65
N SER A 392 -14.31 -18.36 -10.50
CA SER A 392 -13.57 -18.84 -11.68
C SER A 392 -14.55 -19.19 -12.80
N PHE A 393 -14.08 -19.08 -14.03
CA PHE A 393 -14.95 -19.21 -15.21
C PHE A 393 -14.07 -19.19 -16.45
N SER A 394 -14.66 -19.68 -17.54
CA SER A 394 -13.98 -19.78 -18.81
C SER A 394 -13.83 -18.46 -19.56
N ALA A 395 -12.60 -18.21 -19.98
CA ALA A 395 -12.25 -17.08 -20.82
C ALA A 395 -12.98 -17.11 -22.19
N LYS A 396 -13.43 -18.30 -22.59
CA LYS A 396 -14.06 -18.52 -23.85
C LYS A 396 -15.56 -18.28 -23.86
N SER A 397 -16.13 -17.83 -22.75
CA SER A 397 -17.54 -17.50 -22.69
C SER A 397 -17.95 -16.44 -23.74
N LYS A 398 -19.23 -16.52 -24.17
CA LYS A 398 -19.86 -15.62 -25.14
C LYS A 398 -20.44 -14.32 -24.53
N ALA A 399 -20.65 -14.32 -23.21
CA ALA A 399 -21.05 -13.11 -22.53
C ALA A 399 -20.07 -11.99 -22.86
N SER A 400 -20.56 -10.74 -22.88
CA SER A 400 -19.66 -9.63 -22.98
C SER A 400 -18.95 -9.43 -21.64
N THR A 401 -19.67 -9.55 -20.52
CA THR A 401 -19.07 -9.55 -19.20
C THR A 401 -19.73 -10.61 -18.28
N PHE A 402 -18.94 -11.09 -17.33
CA PHE A 402 -19.42 -11.85 -16.20
C PHE A 402 -19.01 -11.12 -14.93
N ALA A 403 -19.90 -11.02 -13.95
CA ALA A 403 -19.56 -10.25 -12.76
C ALA A 403 -20.38 -10.68 -11.59
N ILE A 404 -19.90 -10.37 -10.42
CA ILE A 404 -20.72 -10.32 -9.22
C ILE A 404 -21.10 -8.88 -8.89
N ALA A 405 -22.39 -8.72 -8.60
CA ALA A 405 -22.95 -7.48 -8.07
C ALA A 405 -23.01 -7.66 -6.55
N LEU A 406 -22.29 -6.82 -5.85
CA LEU A 406 -22.16 -7.03 -4.40
C LEU A 406 -22.29 -5.69 -3.67
N ARG A 407 -22.36 -5.77 -2.36
CA ARG A 407 -22.77 -4.67 -1.50
C ARG A 407 -23.95 -3.92 -2.16
N ALA A 408 -24.96 -4.71 -2.52
CA ALA A 408 -26.07 -4.23 -3.32
C ALA A 408 -27.32 -4.04 -2.47
N SER A 409 -28.04 -2.96 -2.73
CA SER A 409 -29.36 -2.88 -2.11
C SER A 409 -30.21 -3.99 -2.73
N ALA A 410 -31.38 -4.25 -2.14
CA ALA A 410 -32.19 -5.37 -2.62
C ALA A 410 -32.66 -5.27 -4.08
N ASN A 411 -32.77 -4.09 -4.60
CA ASN A 411 -33.14 -3.95 -6.00
C ASN A 411 -31.94 -3.58 -6.85
N PHE A 412 -30.76 -3.61 -6.27
CA PHE A 412 -29.52 -3.50 -7.02
C PHE A 412 -29.40 -2.20 -7.76
N THR A 413 -30.13 -1.16 -7.36
CA THR A 413 -29.84 0.19 -7.90
C THR A 413 -28.62 0.77 -7.21
N GLU A 414 -28.34 0.27 -6.03
CA GLU A 414 -27.06 0.41 -5.37
C GLU A 414 -26.34 -0.89 -5.45
N GLN A 415 -25.08 -0.85 -5.88
CA GLN A 415 -24.25 -2.01 -6.06
C GLN A 415 -22.83 -1.61 -6.51
N THR A 416 -21.92 -2.57 -6.35
CA THR A 416 -20.57 -2.48 -6.86
C THR A 416 -20.36 -3.76 -7.69
N LEU A 417 -19.95 -3.59 -8.93
CA LEU A 417 -19.82 -4.74 -9.83
C LEU A 417 -18.37 -5.05 -9.91
N VAL A 418 -18.04 -6.36 -9.77
CA VAL A 418 -16.69 -6.80 -9.91
C VAL A 418 -16.71 -7.95 -10.90
N GLY A 419 -16.00 -7.79 -12.01
CA GLY A 419 -16.08 -8.80 -13.05
C GLY A 419 -14.95 -8.78 -14.05
N TYR A 420 -15.26 -9.36 -15.22
CA TYR A 420 -14.32 -9.56 -16.30
C TYR A 420 -14.98 -9.29 -17.64
N ASP A 421 -14.24 -8.53 -18.46
CA ASP A 421 -14.61 -8.18 -19.81
C ASP A 421 -13.87 -9.14 -20.70
N PHE A 422 -14.61 -10.09 -21.29
CA PHE A 422 -14.00 -11.13 -22.11
C PHE A 422 -13.28 -10.61 -23.34
N ALA A 423 -13.85 -9.62 -24.02
CA ALA A 423 -13.23 -9.10 -25.27
C ALA A 423 -11.91 -8.36 -24.93
N LYS A 424 -11.92 -7.56 -23.86
CA LYS A 424 -10.78 -6.75 -23.45
C LYS A 424 -9.82 -7.53 -22.57
N GLN A 425 -10.22 -8.69 -22.06
CA GLN A 425 -9.39 -9.45 -21.12
C GLN A 425 -8.94 -8.55 -19.97
N GLN A 426 -9.93 -7.91 -19.35
CA GLN A 426 -9.74 -6.99 -18.24
C GLN A 426 -10.70 -7.27 -17.09
N ILE A 427 -10.14 -7.20 -15.91
CA ILE A 427 -10.90 -7.06 -14.69
C ILE A 427 -11.54 -5.68 -14.65
N PHE A 428 -12.81 -5.59 -14.26
CA PHE A 428 -13.41 -4.26 -13.95
C PHE A 428 -13.99 -4.25 -12.57
N LEU A 429 -14.06 -3.04 -12.04
CA LEU A 429 -14.66 -2.73 -10.75
C LEU A 429 -15.42 -1.37 -10.99
N ASP A 430 -16.75 -1.47 -10.98
CA ASP A 430 -17.67 -0.36 -11.23
C ASP A 430 -18.30 0.04 -9.89
N ARG A 431 -17.84 1.14 -9.34
CA ARG A 431 -18.40 1.73 -8.13
C ARG A 431 -19.21 3.01 -8.42
N THR A 432 -19.69 3.13 -9.67
CA THR A 432 -20.46 4.34 -10.03
C THR A 432 -21.75 4.49 -9.20
N HIS A 433 -22.33 3.38 -8.77
CA HIS A 433 -23.54 3.35 -7.94
C HIS A 433 -23.35 2.64 -6.61
N SER A 434 -22.18 2.80 -6.00
CA SER A 434 -21.74 1.94 -4.91
C SER A 434 -22.23 2.40 -3.56
N GLY A 435 -22.84 3.58 -3.57
CA GLY A 435 -23.43 4.21 -2.41
C GLY A 435 -23.12 5.68 -2.37
N ASP A 436 -22.54 6.17 -1.27
CA ASP A 436 -22.19 7.57 -1.16
C ASP A 436 -21.03 7.82 -2.11
N VAL A 437 -21.31 8.58 -3.15
CA VAL A 437 -20.26 8.99 -4.12
C VAL A 437 -20.29 10.49 -4.29
N SER A 438 -20.89 11.16 -3.30
CA SER A 438 -21.25 12.57 -3.41
C SER A 438 -20.11 13.53 -3.17
N PHE A 439 -19.01 13.05 -2.63
CA PHE A 439 -17.98 13.94 -2.04
C PHE A 439 -16.83 14.26 -3.00
N ASP A 440 -16.84 13.65 -4.19
CA ASP A 440 -15.90 13.95 -5.28
C ASP A 440 -16.44 13.40 -6.57
N GLU A 441 -16.34 14.16 -7.65
CA GLU A 441 -16.90 13.80 -8.96
C GLU A 441 -16.19 12.65 -9.65
N THR A 442 -14.92 12.42 -9.33
CA THR A 442 -14.17 11.32 -9.94
C THR A 442 -14.36 10.01 -9.23
N PHE A 443 -14.95 10.05 -8.05
CA PHE A 443 -15.17 8.82 -7.28
C PHE A 443 -16.09 7.82 -7.98
N ALA A 444 -17.18 8.29 -8.59
CA ALA A 444 -18.16 7.36 -9.18
C ALA A 444 -17.59 6.91 -10.54
N SER A 445 -16.73 5.88 -10.52
CA SER A 445 -16.02 5.51 -11.73
C SER A 445 -15.98 3.97 -11.87
N VAL A 446 -15.61 3.55 -13.07
CA VAL A 446 -15.29 2.16 -13.40
C VAL A 446 -13.80 2.02 -13.62
N TYR A 447 -13.23 1.06 -12.93
CA TYR A 447 -11.78 0.85 -13.03
C TYR A 447 -11.47 -0.46 -13.72
N HIS A 448 -10.26 -0.57 -14.23
CA HIS A 448 -9.90 -1.73 -15.05
C HIS A 448 -8.46 -2.14 -14.84
N GLY A 449 -8.22 -3.45 -14.91
CA GLY A 449 -6.87 -3.95 -14.94
C GLY A 449 -6.80 -5.17 -15.85
N PRO A 450 -5.64 -5.36 -16.46
CA PRO A 450 -5.46 -6.46 -17.44
C PRO A 450 -5.30 -7.78 -16.73
N LEU A 451 -5.89 -8.81 -17.30
CA LEU A 451 -5.74 -10.14 -16.75
C LEU A 451 -5.96 -11.18 -17.86
N THR A 452 -4.86 -11.82 -18.26
CA THR A 452 -4.88 -12.89 -19.28
C THR A 452 -5.31 -14.13 -18.55
N PRO A 453 -6.15 -14.95 -19.20
CA PRO A 453 -6.53 -16.24 -18.65
C PRO A 453 -5.28 -17.08 -18.36
N ASP A 454 -5.45 -18.10 -17.54
CA ASP A 454 -4.38 -19.05 -17.32
C ASP A 454 -4.21 -20.03 -18.50
N SER A 455 -3.27 -20.96 -18.35
CA SER A 455 -2.90 -21.87 -19.46
C SER A 455 -4.07 -22.73 -19.94
N THR A 456 -4.97 -23.01 -19.03
CA THR A 456 -6.11 -23.80 -19.35
C THR A 456 -7.33 -22.97 -19.77
N GLY A 457 -7.22 -21.66 -19.85
CA GLY A 457 -8.34 -20.80 -20.24
C GLY A 457 -9.24 -20.29 -19.11
N VAL A 458 -8.80 -20.48 -17.87
CA VAL A 458 -9.60 -20.16 -16.70
C VAL A 458 -9.20 -18.77 -16.21
N VAL A 459 -10.21 -17.96 -15.95
CA VAL A 459 -10.04 -16.68 -15.28
C VAL A 459 -10.42 -16.88 -13.83
N LYS A 460 -9.53 -16.51 -12.90
CA LYS A 460 -9.80 -16.64 -11.45
C LYS A 460 -9.76 -15.26 -10.79
N LEU A 461 -10.75 -14.97 -10.00
CA LEU A 461 -10.78 -13.77 -9.15
C LEU A 461 -11.06 -14.12 -7.70
N SER A 462 -10.30 -13.56 -6.77
CA SER A 462 -10.60 -13.58 -5.35
C SER A 462 -10.85 -12.13 -4.91
N ILE A 463 -11.98 -11.92 -4.24
CA ILE A 463 -12.48 -10.57 -3.93
C ILE A 463 -12.70 -10.51 -2.42
N PHE A 464 -12.01 -9.57 -1.81
CA PHE A 464 -12.21 -9.26 -0.40
C PHE A 464 -13.01 -7.97 -0.20
N VAL A 465 -14.12 -8.10 0.53
CA VAL A 465 -15.02 -6.99 0.78
C VAL A 465 -15.03 -6.77 2.29
N ASP A 466 -14.81 -5.53 2.68
CA ASP A 466 -14.89 -5.11 4.07
C ASP A 466 -15.78 -3.84 4.04
N ARG A 467 -16.06 -3.24 5.19
CA ARG A 467 -17.14 -2.28 5.29
C ARG A 467 -17.09 -1.09 4.31
N SER A 468 -15.88 -0.61 4.03
CA SER A 468 -15.73 0.37 2.97
C SER A 468 -14.67 0.05 1.93
N SER A 469 -14.54 -1.22 1.54
CA SER A 469 -13.55 -1.55 0.54
C SER A 469 -13.79 -2.82 -0.25
N VAL A 470 -13.19 -2.83 -1.43
CA VAL A 470 -13.16 -4.00 -2.26
C VAL A 470 -11.74 -4.18 -2.76
N GLU A 471 -11.21 -5.39 -2.61
CA GLU A 471 -9.89 -5.70 -3.15
C GLU A 471 -9.95 -6.92 -4.03
N VAL A 472 -9.44 -6.81 -5.26
CA VAL A 472 -9.58 -7.90 -6.24
C VAL A 472 -8.18 -8.45 -6.52
N PHE A 473 -8.01 -9.73 -6.27
CA PHE A 473 -6.79 -10.46 -6.69
C PHE A 473 -7.14 -11.33 -7.85
N GLY A 474 -6.57 -10.94 -8.98
CA GLY A 474 -6.72 -11.68 -10.25
C GLY A 474 -5.60 -12.67 -10.53
N GLY A 475 -6.01 -13.79 -11.13
CA GLY A 475 -5.14 -14.94 -11.44
C GLY A 475 -4.39 -15.50 -10.24
N GLN A 476 -3.08 -15.57 -10.35
CA GLN A 476 -2.25 -15.92 -9.21
C GLN A 476 -1.93 -14.67 -8.33
N GLY A 477 -2.50 -13.50 -8.62
CA GLY A 477 -2.14 -12.26 -7.92
C GLY A 477 -1.35 -11.23 -8.74
N GLU A 478 -1.23 -11.45 -10.03
CA GLU A 478 -0.51 -10.59 -10.95
C GLU A 478 -1.20 -9.24 -11.20
N THR A 479 -2.53 -9.17 -10.95
CA THR A 479 -3.32 -7.95 -11.14
C THR A 479 -4.20 -7.79 -9.94
N THR A 480 -3.97 -6.71 -9.20
CA THR A 480 -4.89 -6.32 -8.09
C THR A 480 -5.51 -5.00 -8.39
N LEU A 481 -6.73 -4.84 -7.92
CA LEU A 481 -7.48 -3.64 -8.04
C LEU A 481 -8.15 -3.41 -6.65
N THR A 482 -7.83 -2.24 -6.09
CA THR A 482 -8.22 -1.82 -4.76
C THR A 482 -9.04 -0.53 -4.87
N ALA A 483 -10.24 -0.57 -4.23
CA ALA A 483 -11.22 0.46 -4.33
C ALA A 483 -12.07 0.62 -3.10
N GLN A 484 -12.06 1.82 -2.50
CA GLN A 484 -13.04 2.12 -1.46
C GLN A 484 -14.46 2.24 -2.04
N ILE A 485 -15.41 1.87 -1.21
CA ILE A 485 -16.85 2.05 -1.41
C ILE A 485 -17.53 2.43 -0.11
N PHE A 486 -18.66 3.16 -0.19
CA PHE A 486 -19.34 3.61 1.01
C PHE A 486 -20.79 3.27 0.94
N PRO A 487 -21.12 1.98 1.07
CA PRO A 487 -22.50 1.53 0.87
C PRO A 487 -23.41 1.79 2.13
N SER A 488 -24.72 1.81 1.90
CA SER A 488 -25.67 2.05 2.96
C SER A 488 -25.87 0.79 3.73
N SER A 489 -26.53 0.87 4.88
CA SER A 489 -26.60 -0.26 5.80
C SER A 489 -27.31 -1.50 5.24
N ASP A 490 -28.19 -1.29 4.30
CA ASP A 490 -28.97 -2.33 3.64
C ASP A 490 -28.23 -2.98 2.43
N ALA A 491 -27.08 -2.44 2.06
CA ALA A 491 -26.35 -2.86 0.87
C ALA A 491 -25.51 -4.08 1.19
N VAL A 492 -26.21 -5.20 1.42
CA VAL A 492 -25.56 -6.42 1.89
C VAL A 492 -26.00 -7.60 1.01
N HIS A 493 -26.54 -7.30 -0.16
CA HIS A 493 -26.98 -8.28 -1.14
C HIS A 493 -25.98 -8.48 -2.28
N ALA A 494 -26.08 -9.66 -2.92
CA ALA A 494 -25.25 -10.06 -4.04
C ALA A 494 -25.99 -10.97 -4.99
N ARG A 495 -25.49 -11.03 -6.21
CA ARG A 495 -25.90 -11.93 -7.25
C ARG A 495 -24.89 -11.90 -8.37
N LEU A 496 -25.02 -12.85 -9.26
CA LEU A 496 -24.12 -13.03 -10.38
C LEU A 496 -24.83 -12.52 -11.61
N ALA A 497 -24.06 -11.90 -12.51
CA ALA A 497 -24.55 -11.30 -13.77
C ALA A 497 -23.70 -11.67 -14.98
N SER A 498 -24.34 -12.33 -15.93
CA SER A 498 -23.71 -12.76 -17.18
C SER A 498 -24.44 -11.88 -18.21
N THR A 499 -23.72 -10.93 -18.78
CA THR A 499 -24.35 -9.85 -19.57
C THR A 499 -24.06 -10.09 -21.03
N GLY A 500 -25.10 -10.19 -21.87
CA GLY A 500 -24.92 -10.25 -23.31
C GLY A 500 -24.73 -11.68 -23.82
N GLY A 501 -24.76 -12.65 -22.91
CA GLY A 501 -24.58 -14.06 -23.29
C GLY A 501 -24.36 -14.90 -22.04
N THR A 502 -24.13 -16.20 -22.23
CA THR A 502 -23.76 -17.16 -21.15
C THR A 502 -22.32 -17.09 -20.76
N THR A 503 -22.05 -17.66 -19.58
CA THR A 503 -20.71 -17.80 -19.08
C THR A 503 -20.52 -19.24 -18.69
N GLU A 504 -19.40 -19.80 -19.13
CA GLU A 504 -19.17 -21.23 -19.06
C GLU A 504 -18.26 -21.55 -17.89
N ASP A 505 -18.44 -22.75 -17.35
CA ASP A 505 -17.65 -23.25 -16.25
C ASP A 505 -17.52 -22.30 -15.03
N VAL A 506 -18.67 -21.81 -14.55
CA VAL A 506 -18.68 -20.81 -13.47
C VAL A 506 -18.57 -21.55 -12.13
N ARG A 507 -17.69 -21.07 -11.26
CA ARG A 507 -17.63 -21.58 -9.92
C ARG A 507 -17.58 -20.36 -9.03
N ALA A 508 -18.43 -20.36 -8.02
CA ALA A 508 -18.57 -19.18 -7.14
C ALA A 508 -18.74 -19.58 -5.71
N ASP A 509 -17.93 -19.04 -4.80
CA ASP A 509 -18.05 -19.39 -3.36
C ASP A 509 -17.89 -18.12 -2.58
N ILE A 510 -18.68 -17.95 -1.51
CA ILE A 510 -18.55 -16.75 -0.68
C ILE A 510 -18.42 -17.18 0.76
N TYR A 511 -17.42 -16.64 1.44
CA TYR A 511 -17.16 -16.96 2.82
C TYR A 511 -17.21 -15.70 3.66
N LYS A 512 -17.88 -15.82 4.80
CA LYS A 512 -17.93 -14.77 5.81
C LYS A 512 -16.58 -14.62 6.54
N ILE A 513 -16.24 -13.38 6.83
CA ILE A 513 -15.04 -12.98 7.58
C ILE A 513 -15.46 -12.21 8.83
N ALA A 514 -14.94 -12.69 9.95
CA ALA A 514 -15.14 -12.05 11.27
C ALA A 514 -14.24 -10.82 11.51
N SER A 515 -14.56 -10.08 12.54
CA SER A 515 -13.80 -8.88 12.87
C SER A 515 -12.50 -9.28 13.51
N THR A 516 -11.47 -8.45 13.31
CA THR A 516 -10.16 -8.63 13.98
C THR A 516 -10.02 -7.70 15.16
N TRP A 517 -11.03 -6.85 15.35
CA TRP A 517 -10.99 -5.92 16.45
C TRP A 517 -11.64 -6.50 17.70
C1 NAG B . -3.45 20.16 14.85
C2 NAG B . -4.77 20.42 14.07
C3 NAG B . -5.64 21.47 14.77
C4 NAG B . -5.88 21.08 16.23
C5 NAG B . -4.54 20.80 16.88
C6 NAG B . -4.64 20.44 18.36
C7 NAG B . -5.25 20.03 11.69
C8 NAG B . -4.97 20.52 10.28
N2 NAG B . -4.54 20.64 12.65
O3 NAG B . -6.91 21.55 14.15
O4 NAG B . -6.22 22.20 17.03
O5 NAG B . -3.78 19.79 16.19
O6 NAG B . -3.31 20.57 18.90
O7 NAG B . -6.10 19.14 11.86
C1 NAG B . -7.31 23.10 16.97
C2 NAG B . -7.72 23.29 18.44
C3 NAG B . -8.48 22.06 18.88
C4 NAG B . -9.70 21.84 17.99
C5 NAG B . -9.27 21.74 16.53
C6 NAG B . -10.53 21.70 15.62
C7 NAG B . -5.45 24.11 19.12
C8 NAG B . -4.25 23.85 20.00
N2 NAG B . -6.60 23.47 19.40
O3 NAG B . -8.84 22.28 20.21
O4 NAG B . -10.34 20.61 18.26
O5 NAG B . -8.37 22.76 16.12
O6 NAG B . -10.96 20.36 15.36
O7 NAG B . -5.32 24.87 18.17
C1 NAG C . 25.48 -8.31 12.21
C2 NAG C . 25.33 -7.99 10.71
C3 NAG C . 25.17 -9.29 9.87
C4 NAG C . 26.38 -10.16 10.13
C5 NAG C . 26.84 -10.17 11.60
C6 NAG C . 28.32 -10.64 11.69
C7 NAG C . 23.07 -7.15 10.62
C8 NAG C . 22.18 -5.98 10.43
N2 NAG C . 24.35 -7.00 10.39
O3 NAG C . 25.01 -8.99 8.49
O4 NAG C . 26.11 -11.49 9.73
O5 NAG C . 26.77 -8.91 12.23
O6 NAG C . 29.22 -9.67 11.13
O7 NAG C . 22.60 -8.23 10.95
C1 NAG D . -34.45 0.55 -4.59
C2 NAG D . -35.57 1.47 -5.04
C3 NAG D . -35.46 2.81 -4.38
C4 NAG D . -35.41 2.68 -2.88
C5 NAG D . -34.44 1.60 -2.42
C6 NAG D . -34.71 1.34 -0.95
C7 NAG D . -36.30 1.23 -7.34
C8 NAG D . -36.02 1.62 -8.76
N2 NAG D . -35.46 1.71 -6.44
O3 NAG D . -36.63 3.58 -4.70
O4 NAG D . -35.06 3.93 -2.35
O5 NAG D . -34.60 0.40 -3.18
O6 NAG D . -33.60 0.73 -0.39
O7 NAG D . -37.24 0.48 -7.07
C1 NAG E . -34.58 -17.02 -4.56
C2 NAG E . -35.74 -17.89 -5.07
C3 NAG E . -36.85 -18.08 -4.03
C4 NAG E . -36.29 -18.39 -2.65
C5 NAG E . -35.06 -17.51 -2.32
C6 NAG E . -34.40 -17.88 -0.98
C7 NAG E . -36.25 -18.22 -7.35
C8 NAG E . -36.86 -17.81 -8.69
N2 NAG E . -36.34 -17.41 -6.30
O3 NAG E . -37.74 -19.08 -4.46
O4 NAG E . -37.33 -18.15 -1.72
O5 NAG E . -34.07 -17.60 -3.37
O6 NAG E . -33.98 -19.23 -1.08
O7 NAG E . -35.69 -19.32 -7.19
C1 FRU F . 2.65 10.61 0.41
C2 FRU F . 3.26 11.55 1.44
C3 FRU F . 4.76 11.44 1.55
C4 FRU F . 5.04 12.37 2.75
C5 FRU F . 3.81 12.23 3.60
C6 FRU F . 3.32 13.47 4.34
O1 FRU F . 1.32 10.26 0.76
O2 FRU F . 3.14 12.85 0.81
O3 FRU F . 5.47 11.69 0.34
O4 FRU F . 6.12 11.88 3.51
O5 FRU F . 2.79 11.79 2.72
O6 FRU F . 2.28 13.00 5.21
#